data_7OA7
#
_entry.id   7OA7
#
_cell.length_a   96.481
_cell.length_b   96.481
_cell.length_c   85.078
_cell.angle_alpha   90.000
_cell.angle_beta   90.000
_cell.angle_gamma   120.000
#
_symmetry.space_group_name_H-M   'P 32 2 1'
#
loop_
_entity.id
_entity.type
_entity.pdbx_description
1 polymer 'PilC minor pilin'
2 non-polymer 'CALCIUM ION'
3 non-polymer 'SODIUM ION'
4 water water
#
_entity_poly.entity_id   1
_entity_poly.type   'polypeptide(L)'
_entity_poly.pdbx_seq_one_letter_code
;(MSE)DHHHHHH(MSE)KVTIPSGKRYYYAG(MSE)GITTPGGKVDIADSKKKSKTRIYTESGWFLSDRAIGQGVSGIVP
VGTIGQKGDGTISQTLFPE(MSE)PTDFKQLSKLETGIHITDD(MSE)RGKYLTFAARAINSYGRVGNYQEADRIWI
(MSE)GLPVTQNVRLHTDADLALLKNGNTTSLIPTDNQLHTNTEVRDYFNDVVYGATIPVLNYKEPAINQTRQLIALDGR
T(MSE)QFSNHNFNNGYTTSVLIGNRQQTGPLLTYKLDDTLTWGINLENDGRIAIKTVDTTTANNGGQEYIQNVKLDYSN
DNSIQVRSAAKNGSLGIEIFINGQSVYNKTVSLTRNRTTHNISSGQIIFGGNTYINEFAVYTESLNNSNIQKLAEYFRDK
YKAS
;
_entity_poly.pdbx_strand_id   A
#
# COMPACT_ATOMS: atom_id res chain seq x y z
N ASP A 2 -8.05 37.47 38.01
CA ASP A 2 -8.53 37.16 36.68
C ASP A 2 -7.82 35.92 36.13
N HIS A 3 -8.61 34.93 35.70
CA HIS A 3 -8.05 33.68 35.23
C HIS A 3 -9.01 33.05 34.22
N HIS A 4 -8.51 32.04 33.53
CA HIS A 4 -9.25 31.43 32.44
C HIS A 4 -9.32 29.93 32.64
N HIS A 5 -10.49 29.36 32.40
CA HIS A 5 -10.71 27.93 32.49
C HIS A 5 -10.69 27.32 31.11
N HIS A 6 -10.06 26.16 31.01
CA HIS A 6 -10.20 25.35 29.81
C HIS A 6 -11.23 24.26 30.06
N HIS A 7 -12.21 24.17 29.17
CA HIS A 7 -13.27 23.17 29.28
C HIS A 7 -13.05 22.08 28.24
N HIS A 8 -13.39 20.87 28.63
CA HIS A 8 -13.06 19.64 27.93
C HIS A 8 -14.14 19.05 27.07
N LYS A 10 -14.43 15.32 24.73
CA LYS A 10 -13.87 14.10 24.17
C LYS A 10 -14.55 13.89 22.83
N VAL A 11 -13.76 13.78 21.78
CA VAL A 11 -14.25 13.62 20.42
C VAL A 11 -13.69 12.32 19.91
N THR A 12 -14.57 11.34 19.63
CA THR A 12 -14.10 10.02 19.25
C THR A 12 -15.00 9.45 18.17
N ILE A 13 -14.54 8.37 17.56
CA ILE A 13 -15.36 7.50 16.71
C ILE A 13 -15.31 6.12 17.36
N PRO A 14 -16.25 5.79 18.24
CA PRO A 14 -16.16 4.51 18.95
C PRO A 14 -16.15 3.35 17.97
N SER A 15 -15.16 2.47 18.12
CA SER A 15 -14.94 1.31 17.25
C SER A 15 -14.38 1.68 15.89
N GLY A 16 -14.07 2.95 15.64
CA GLY A 16 -13.53 3.33 14.35
C GLY A 16 -12.09 2.88 14.18
N LYS A 17 -11.72 2.60 12.94
CA LYS A 17 -10.38 2.20 12.60
C LYS A 17 -9.60 3.41 12.08
N ARG A 18 -8.27 3.22 11.93
CA ARG A 18 -7.41 4.25 11.39
C ARG A 18 -7.34 4.25 9.86
N TYR A 19 -7.93 3.26 9.21
CA TYR A 19 -7.96 3.21 7.76
C TYR A 19 -9.14 2.35 7.33
N TYR A 20 -9.62 2.62 6.11
CA TYR A 20 -10.65 1.80 5.50
C TYR A 20 -10.37 1.72 4.01
N TYR A 21 -10.90 0.68 3.38
CA TYR A 21 -10.88 0.54 1.93
C TYR A 21 -12.20 1.01 1.34
N ALA A 22 -12.12 1.56 0.14
CA ALA A 22 -13.31 1.78 -0.65
C ALA A 22 -13.68 0.50 -1.39
N GLY A 23 -14.92 0.45 -1.86
CA GLY A 23 -15.38 -0.69 -2.65
C GLY A 23 -15.77 -1.91 -1.87
N GLY A 25 -18.33 -1.82 0.79
CA GLY A 25 -19.57 -1.62 1.54
C GLY A 25 -19.40 -1.15 2.96
N ILE A 26 -18.29 -0.49 3.28
CA ILE A 26 -18.04 0.00 4.63
C ILE A 26 -18.82 1.28 4.86
N THR A 27 -19.46 1.37 6.03
CA THR A 27 -19.93 2.64 6.58
C THR A 27 -19.28 2.77 7.94
N THR A 28 -18.60 3.91 8.18
CA THR A 28 -17.95 4.08 9.45
C THR A 28 -18.97 4.08 10.59
N PRO A 29 -18.53 3.74 11.80
CA PRO A 29 -19.36 4.03 12.97
C PRO A 29 -19.56 5.53 13.07
N GLY A 30 -20.57 5.91 13.84
CA GLY A 30 -20.84 7.33 14.06
C GLY A 30 -19.83 7.97 14.97
N GLY A 31 -19.75 9.30 14.89
CA GLY A 31 -18.92 10.04 15.82
C GLY A 31 -19.63 10.29 17.15
N LYS A 32 -18.84 10.63 18.17
CA LYS A 32 -19.34 10.87 19.52
C LYS A 32 -18.63 12.08 20.10
N VAL A 33 -19.40 12.98 20.71
CA VAL A 33 -18.88 14.14 21.42
C VAL A 33 -19.35 14.07 22.86
N ASP A 34 -18.41 14.12 23.80
CA ASP A 34 -18.72 14.07 25.22
C ASP A 34 -18.19 15.35 25.87
N ILE A 35 -19.09 16.12 26.46
CA ILE A 35 -18.72 17.36 27.10
C ILE A 35 -18.99 17.27 28.60
N ILE A 46 -19.90 25.35 25.82
CA ILE A 46 -21.27 25.17 26.30
C ILE A 46 -22.14 24.45 25.25
N TYR A 47 -22.04 24.88 23.99
CA TYR A 47 -22.61 24.16 22.86
C TYR A 47 -21.49 23.62 21.99
N THR A 48 -21.82 22.66 21.14
CA THR A 48 -20.83 22.10 20.23
C THR A 48 -21.41 22.06 18.82
N GLU A 49 -20.51 22.11 17.85
CA GLU A 49 -20.82 21.88 16.46
C GLU A 49 -19.88 20.77 16.00
N SER A 50 -20.41 19.77 15.30
CA SER A 50 -19.60 18.64 14.91
C SER A 50 -19.94 18.22 13.49
N GLY A 51 -19.05 17.43 12.90
CA GLY A 51 -19.29 16.91 11.58
C GLY A 51 -18.09 16.14 11.08
N TRP A 52 -18.18 15.73 9.81
CA TRP A 52 -17.17 14.93 9.14
C TRP A 52 -16.54 15.75 8.01
N PHE A 53 -15.25 15.56 7.83
CA PHE A 53 -14.45 16.34 6.89
C PHE A 53 -13.57 15.41 6.08
N LEU A 54 -13.39 15.75 4.81
CA LEU A 54 -12.61 14.93 3.89
C LEU A 54 -11.51 15.80 3.29
N SER A 55 -10.28 15.30 3.31
CA SER A 55 -9.18 16.14 2.86
C SER A 55 -9.18 16.29 1.35
N ASP A 56 -8.50 17.34 0.89
CA ASP A 56 -8.20 17.51 -0.51
C ASP A 56 -7.09 16.54 -0.91
N ARG A 57 -6.83 16.46 -2.22
CA ARG A 57 -5.67 15.74 -2.74
C ARG A 57 -4.49 16.67 -2.98
N ALA A 58 -4.54 17.88 -2.45
CA ALA A 58 -3.42 18.82 -2.52
C ALA A 58 -3.43 19.62 -1.24
N ILE A 59 -2.37 19.49 -0.45
CA ILE A 59 -2.24 20.14 0.84
C ILE A 59 -1.64 21.51 0.59
N GLY A 60 -2.39 22.57 0.96
CA GLY A 60 -2.08 23.91 0.49
C GLY A 60 -1.03 24.61 1.32
N GLN A 61 -0.64 25.78 0.83
CA GLN A 61 0.44 26.56 1.42
C GLN A 61 0.04 27.21 2.74
N SER A 64 0.24 25.55 -5.79
CA SER A 64 0.82 24.23 -5.91
C SER A 64 0.72 23.43 -4.61
N GLY A 65 -0.42 22.80 -4.39
CA GLY A 65 -0.57 21.95 -3.24
C GLY A 65 0.25 20.68 -3.37
N ILE A 66 0.50 20.06 -2.22
CA ILE A 66 1.33 18.86 -2.12
C ILE A 66 0.43 17.65 -1.89
N VAL A 67 0.82 16.51 -2.47
CA VAL A 67 -0.01 15.30 -2.39
C VAL A 67 -0.04 14.78 -0.95
N PRO A 68 -1.20 14.38 -0.43
CA PRO A 68 -1.22 13.70 0.87
C PRO A 68 -0.70 12.28 0.73
N VAL A 69 -0.10 11.79 1.81
CA VAL A 69 0.38 10.42 1.89
C VAL A 69 -0.18 9.78 3.15
N GLY A 70 -0.36 8.46 3.09
CA GLY A 70 -1.02 7.75 4.16
C GLY A 70 -0.13 7.52 5.38
N THR A 71 -0.80 7.44 6.53
CA THR A 71 -0.21 6.96 7.77
C THR A 71 -1.34 6.39 8.62
N ILE A 72 -0.97 5.46 9.50
CA ILE A 72 -1.82 5.03 10.60
C ILE A 72 -1.19 5.34 11.95
N GLY A 73 -0.15 6.16 11.95
CA GLY A 73 0.47 6.66 13.16
C GLY A 73 0.00 8.07 13.45
N GLN A 74 0.82 8.79 14.23
CA GLN A 74 0.51 10.16 14.61
C GLN A 74 1.81 10.93 14.68
N LYS A 75 1.75 12.22 14.35
CA LYS A 75 2.90 13.10 14.42
C LYS A 75 3.53 13.12 15.80
N ILE A 80 11.44 14.95 13.58
CA ILE A 80 11.95 13.64 13.21
C ILE A 80 11.44 13.24 11.83
N SER A 81 10.15 13.50 11.60
CA SER A 81 9.47 13.18 10.35
C SER A 81 9.18 14.47 9.59
N GLN A 82 9.48 14.47 8.31
CA GLN A 82 9.19 15.60 7.44
C GLN A 82 7.86 15.47 6.71
N THR A 83 7.08 14.42 7.02
CA THR A 83 5.83 14.21 6.29
C THR A 83 4.88 15.38 6.54
N LEU A 84 4.27 15.86 5.46
CA LEU A 84 3.28 16.93 5.53
C LEU A 84 1.90 16.28 5.57
N PHE A 85 1.10 16.64 6.59
CA PHE A 85 -0.26 16.12 6.69
C PHE A 85 -1.27 17.26 6.53
N PRO A 86 -2.50 16.95 6.07
CA PRO A 86 -3.49 18.02 5.89
C PRO A 86 -3.82 18.70 7.20
N GLU A 87 -4.06 20.00 7.12
CA GLU A 87 -4.39 20.80 8.28
C GLU A 87 -5.90 21.08 8.29
N PRO A 89 -8.80 23.55 9.36
CA PRO A 89 -9.78 23.12 8.37
C PRO A 89 -9.40 23.42 6.92
N THR A 90 -8.28 24.10 6.68
CA THR A 90 -8.02 24.67 5.35
C THR A 90 -7.76 23.60 4.28
N ASP A 91 -7.31 22.41 4.65
CA ASP A 91 -7.06 21.35 3.68
C ASP A 91 -8.21 20.35 3.60
N PHE A 92 -9.38 20.69 4.14
CA PHE A 92 -10.50 19.76 4.17
C PHE A 92 -11.74 20.43 3.61
N LYS A 93 -12.68 19.61 3.17
CA LYS A 93 -14.02 20.02 2.80
C LYS A 93 -15.00 19.34 3.76
N GLN A 94 -16.05 20.05 4.13
CA GLN A 94 -17.04 19.44 5.02
C GLN A 94 -17.89 18.45 4.23
N LEU A 95 -17.89 17.20 4.70
CA LEU A 95 -18.66 16.12 4.09
C LEU A 95 -20.03 15.99 4.74
N SER A 96 -20.13 16.25 6.04
CA SER A 96 -21.40 16.13 6.74
C SER A 96 -21.44 17.10 7.92
N LYS A 97 -22.61 17.68 8.15
CA LYS A 97 -22.89 18.45 9.36
C LYS A 97 -23.50 17.58 10.45
N LEU A 98 -23.61 16.29 10.21
CA LEU A 98 -24.19 15.34 11.14
C LEU A 98 -23.09 14.46 11.72
N GLU A 99 -23.44 13.70 12.77
CA GLU A 99 -22.45 12.86 13.44
C GLU A 99 -22.49 11.41 12.97
N THR A 100 -23.53 11.02 12.26
CA THR A 100 -23.69 9.63 11.88
C THR A 100 -22.64 9.22 10.85
N GLY A 101 -22.48 7.91 10.70
CA GLY A 101 -21.31 7.38 10.01
C GLY A 101 -21.33 7.61 8.51
N ILE A 102 -20.15 7.51 7.92
CA ILE A 102 -19.90 7.87 6.53
C ILE A 102 -19.73 6.61 5.70
N HIS A 103 -20.47 6.54 4.61
CA HIS A 103 -20.31 5.44 3.67
C HIS A 103 -19.12 5.76 2.77
N ILE A 104 -18.11 4.88 2.80
CA ILE A 104 -16.90 5.13 2.03
C ILE A 104 -17.21 5.00 0.54
N THR A 105 -16.77 5.97 -0.25
CA THR A 105 -16.98 5.94 -1.70
C THR A 105 -15.63 5.96 -2.41
N ASP A 106 -15.65 5.58 -3.69
CA ASP A 106 -14.41 5.52 -4.48
C ASP A 106 -13.73 6.88 -4.58
N ASP A 107 -14.50 7.97 -4.58
CA ASP A 107 -13.93 9.30 -4.67
C ASP A 107 -13.14 9.70 -3.42
N ARG A 109 -10.75 7.76 -2.05
CA ARG A 109 -9.49 7.05 -1.97
C ARG A 109 -8.30 8.02 -1.96
N GLY A 110 -7.32 7.71 -1.12
CA GLY A 110 -6.14 8.54 -1.02
C GLY A 110 -6.35 9.86 -0.32
N LYS A 111 -7.38 9.93 0.54
CA LYS A 111 -7.67 11.11 1.33
C LYS A 111 -7.83 10.73 2.79
N TYR A 112 -7.73 11.73 3.66
CA TYR A 112 -8.05 11.56 5.07
C TYR A 112 -9.50 11.95 5.32
N LEU A 113 -10.16 11.14 6.14
CA LEU A 113 -11.51 11.39 6.63
C LEU A 113 -11.41 11.61 8.12
N THR A 114 -12.09 12.63 8.63
CA THR A 114 -12.00 12.90 10.05
C THR A 114 -13.34 13.38 10.62
N PHE A 115 -13.63 12.96 11.84
CA PHE A 115 -14.74 13.49 12.61
C PHE A 115 -14.19 14.53 13.57
N ALA A 116 -14.85 15.69 13.64
CA ALA A 116 -14.33 16.79 14.45
C ALA A 116 -15.48 17.57 15.07
N ALA A 117 -15.17 18.24 16.17
CA ALA A 117 -16.16 19.06 16.87
C ALA A 117 -15.47 20.30 17.42
N ARG A 118 -16.25 21.38 17.53
CA ARG A 118 -15.74 22.60 18.14
C ARG A 118 -16.75 23.14 19.14
N ALA A 119 -16.21 23.79 20.18
CA ALA A 119 -17.03 24.37 21.22
C ALA A 119 -17.43 25.79 20.84
N ILE A 120 -18.64 26.17 21.27
CA ILE A 120 -19.16 27.52 21.14
C ILE A 120 -19.51 28.02 22.53
N ASN A 121 -19.05 29.22 22.88
CA ASN A 121 -19.24 29.73 24.23
C ASN A 121 -20.52 30.57 24.34
N SER A 122 -20.74 31.10 25.55
CA SER A 122 -21.93 31.89 25.86
C SER A 122 -22.03 33.14 25.01
N TYR A 123 -20.90 33.66 24.53
CA TYR A 123 -20.87 34.86 23.71
C TYR A 123 -20.81 34.54 22.22
N GLY A 124 -21.18 33.33 21.83
CA GLY A 124 -21.18 32.91 20.44
C GLY A 124 -19.80 32.60 19.88
N ARG A 125 -18.76 32.55 20.72
CA ARG A 125 -17.41 32.39 20.16
C ARG A 125 -17.04 30.94 19.87
N VAL A 126 -16.56 30.73 18.65
CA VAL A 126 -16.34 29.41 18.06
C VAL A 126 -14.89 29.02 18.28
N GLY A 127 -14.66 27.87 18.93
CA GLY A 127 -13.33 27.38 19.16
C GLY A 127 -12.75 26.63 17.98
N ASN A 128 -11.53 26.13 18.16
CA ASN A 128 -10.88 25.34 17.14
C ASN A 128 -11.47 23.93 17.13
N TYR A 129 -11.44 23.31 15.96
CA TYR A 129 -11.91 21.94 15.84
C TYR A 129 -10.98 21.00 16.60
N GLN A 130 -11.58 20.05 17.30
CA GLN A 130 -10.88 18.95 17.93
C GLN A 130 -11.28 17.68 17.21
N GLU A 131 -10.30 16.93 16.73
CA GLU A 131 -10.54 15.77 15.90
C GLU A 131 -10.45 14.47 16.69
N ALA A 132 -11.25 13.49 16.25
CA ALA A 132 -11.00 12.10 16.60
C ALA A 132 -9.77 11.62 15.83
N ASP A 133 -9.37 10.35 16.07
CA ASP A 133 -8.26 9.80 15.31
C ASP A 133 -8.60 9.76 13.82
N ARG A 134 -7.65 10.18 12.98
CA ARG A 134 -7.94 10.30 11.56
C ARG A 134 -8.02 8.94 10.89
N ILE A 135 -8.73 8.93 9.77
CA ILE A 135 -8.92 7.75 8.94
C ILE A 135 -8.25 8.01 7.60
N TRP A 136 -7.36 7.12 7.20
CA TRP A 136 -6.80 7.14 5.85
C TRP A 136 -7.64 6.21 4.98
N ILE A 137 -8.13 6.73 3.86
CA ILE A 137 -8.85 5.89 2.91
C ILE A 137 -7.83 5.32 1.93
N GLY A 139 -5.67 3.87 -1.02
CA GLY A 139 -5.73 4.13 -2.45
C GLY A 139 -6.14 2.92 -3.28
N LEU A 140 -5.90 1.71 -2.77
CA LEU A 140 -6.05 0.50 -3.58
C LEU A 140 -7.42 0.45 -4.25
N PRO A 141 -7.49 0.39 -5.57
CA PRO A 141 -8.77 0.50 -6.27
C PRO A 141 -9.50 -0.81 -6.51
N VAL A 142 -8.87 -1.94 -6.22
CA VAL A 142 -9.45 -3.25 -6.47
C VAL A 142 -9.28 -4.04 -5.18
N THR A 143 -10.40 -4.35 -4.52
CA THR A 143 -10.37 -5.06 -3.23
C THR A 143 -10.90 -6.50 -3.32
N GLN A 144 -11.58 -6.86 -4.39
CA GLN A 144 -12.08 -8.22 -4.52
C GLN A 144 -10.93 -9.22 -4.45
N ASN A 145 -11.07 -10.22 -3.59
CA ASN A 145 -10.16 -11.35 -3.53
C ASN A 145 -8.75 -10.97 -3.09
N VAL A 146 -8.57 -9.87 -2.36
CA VAL A 146 -7.25 -9.58 -1.81
C VAL A 146 -6.89 -10.64 -0.78
N ARG A 147 -5.68 -11.20 -0.89
CA ARG A 147 -5.10 -12.09 0.11
C ARG A 147 -4.07 -11.38 0.99
N LEU A 148 -3.25 -10.50 0.41
CA LEU A 148 -2.25 -9.72 1.15
C LEU A 148 -2.22 -8.32 0.54
N HIS A 149 -2.07 -7.30 1.39
CA HIS A 149 -1.87 -5.95 0.88
C HIS A 149 -0.98 -5.19 1.83
N THR A 150 0.12 -4.64 1.32
CA THR A 150 1.06 -3.88 2.13
C THR A 150 1.41 -2.59 1.38
N ASP A 151 1.17 -1.45 2.02
CA ASP A 151 1.55 -0.14 1.51
C ASP A 151 2.70 0.34 2.39
N ALA A 152 3.88 0.53 1.80
CA ALA A 152 5.04 0.85 2.62
C ALA A 152 4.85 2.14 3.40
N ASP A 153 4.04 3.08 2.90
CA ASP A 153 3.86 4.34 3.61
C ASP A 153 3.27 4.15 5.00
N LEU A 154 2.58 3.02 5.25
CA LEU A 154 1.96 2.76 6.54
C LEU A 154 2.90 2.07 7.51
N ALA A 155 4.08 1.65 7.07
CA ALA A 155 5.04 1.04 7.98
C ALA A 155 5.44 2.03 9.08
N LEU A 156 5.63 1.52 10.29
CA LEU A 156 5.99 2.32 11.44
C LEU A 156 7.32 1.86 12.03
N LEU A 157 7.93 2.76 12.79
CA LEU A 157 9.08 2.39 13.62
C LEU A 157 8.57 1.73 14.87
N LYS A 158 9.29 0.71 15.34
CA LYS A 158 8.87 -0.06 16.51
C LYS A 158 10.03 -0.18 17.48
N ASN A 159 9.84 0.32 18.70
CA ASN A 159 10.83 0.15 19.77
C ASN A 159 10.08 -0.40 20.98
N GLY A 160 10.37 -1.65 21.33
CA GLY A 160 9.57 -2.30 22.34
C GLY A 160 8.17 -2.49 21.79
N ASN A 161 7.17 -2.15 22.58
CA ASN A 161 5.81 -2.24 22.06
C ASN A 161 5.24 -0.88 21.66
N THR A 162 6.09 0.14 21.55
CA THR A 162 5.67 1.48 21.13
C THR A 162 6.02 1.66 19.66
N THR A 163 5.08 2.18 18.89
CA THR A 163 5.33 2.54 17.50
C THR A 163 5.36 4.05 17.34
N SER A 164 6.04 4.49 16.28
CA SER A 164 6.15 5.90 15.94
C SER A 164 6.45 6.00 14.45
N LEU A 165 6.42 7.23 13.94
CA LEU A 165 6.72 7.45 12.53
C LEU A 165 8.19 7.19 12.25
N ILE A 166 8.47 6.68 11.04
CA ILE A 166 9.86 6.43 10.66
C ILE A 166 10.52 7.78 10.32
N PRO A 167 11.70 8.06 10.85
CA PRO A 167 12.32 9.37 10.61
C PRO A 167 12.68 9.55 9.15
N THR A 168 12.60 10.80 8.68
CA THR A 168 12.93 11.15 7.30
C THR A 168 14.44 11.32 7.20
N ASP A 169 15.15 10.18 7.16
CA ASP A 169 16.60 10.19 7.11
C ASP A 169 17.18 9.37 5.97
N ASN A 170 16.32 8.75 5.15
CA ASN A 170 16.75 7.94 4.00
C ASN A 170 17.66 6.79 4.42
N GLN A 171 17.52 6.32 5.66
CA GLN A 171 18.25 5.19 6.18
C GLN A 171 17.35 3.97 6.28
N LEU A 172 17.92 2.80 6.05
CA LEU A 172 17.17 1.56 6.24
C LEU A 172 17.05 1.28 7.73
N HIS A 173 15.83 1.26 8.24
CA HIS A 173 15.55 0.86 9.61
C HIS A 173 15.00 -0.55 9.62
N THR A 174 15.54 -1.40 10.49
CA THR A 174 15.00 -2.73 10.70
C THR A 174 14.10 -2.84 11.91
N ASN A 175 14.03 -1.80 12.76
CA ASN A 175 13.10 -1.82 13.90
C ASN A 175 11.77 -1.25 13.42
N THR A 176 11.04 -2.10 12.69
CA THR A 176 9.85 -1.65 12.00
C THR A 176 8.68 -2.56 12.31
N GLU A 177 7.49 -2.05 12.04
CA GLU A 177 6.26 -2.83 12.07
C GLU A 177 5.60 -2.68 10.71
N VAL A 178 5.44 -3.79 10.01
CA VAL A 178 4.84 -3.83 8.68
C VAL A 178 3.75 -4.88 8.71
N ARG A 179 2.63 -4.60 8.07
CA ARG A 179 1.46 -5.48 8.12
C ARG A 179 0.98 -5.84 6.72
N ASP A 180 0.21 -6.92 6.67
CA ASP A 180 -0.84 -7.11 5.68
C ASP A 180 -2.03 -6.32 6.21
N TYR A 181 -2.29 -5.16 5.61
CA TYR A 181 -3.34 -4.27 6.13
C TYR A 181 -4.73 -4.78 5.79
N PHE A 182 -4.86 -5.68 4.82
CA PHE A 182 -6.18 -6.16 4.45
C PHE A 182 -6.75 -7.07 5.54
N ASN A 183 -5.91 -7.93 6.10
CA ASN A 183 -6.33 -8.83 7.17
C ASN A 183 -5.86 -8.37 8.53
N ASP A 184 -5.06 -7.29 8.59
CA ASP A 184 -4.53 -6.75 9.84
C ASP A 184 -3.68 -7.78 10.57
N VAL A 185 -2.61 -8.20 9.90
CA VAL A 185 -1.67 -9.18 10.43
C VAL A 185 -0.29 -8.58 10.37
N VAL A 186 0.44 -8.63 11.49
CA VAL A 186 1.80 -8.12 11.57
C VAL A 186 2.75 -9.16 11.01
N TYR A 187 3.62 -8.75 10.10
CA TYR A 187 4.64 -9.64 9.55
C TYR A 187 5.73 -9.87 10.58
N GLY A 188 6.20 -11.13 10.68
CA GLY A 188 7.26 -11.46 11.61
C GLY A 188 8.66 -11.33 11.05
N ALA A 189 8.79 -11.32 9.72
CA ALA A 189 10.11 -11.21 9.09
C ALA A 189 10.71 -9.84 9.35
N THR A 190 12.05 -9.78 9.31
CA THR A 190 12.72 -8.49 9.37
C THR A 190 12.55 -7.78 8.03
N ILE A 191 11.91 -6.62 8.05
CA ILE A 191 11.61 -5.87 6.83
C ILE A 191 12.18 -4.46 6.94
N PRO A 192 13.33 -4.18 6.32
CA PRO A 192 13.89 -2.83 6.40
C PRO A 192 13.03 -1.85 5.61
N VAL A 193 12.80 -0.68 6.19
CA VAL A 193 12.00 0.37 5.58
C VAL A 193 12.74 1.69 5.74
N LEU A 194 12.68 2.52 4.70
CA LEU A 194 13.21 3.87 4.78
C LEU A 194 12.10 4.87 4.51
N ASN A 195 12.29 6.09 5.04
CA ASN A 195 11.44 7.25 4.78
C ASN A 195 12.35 8.35 4.25
N TYR A 196 11.96 8.98 3.13
CA TYR A 196 12.78 10.04 2.57
C TYR A 196 11.86 11.08 1.95
N LYS A 197 12.39 12.29 1.75
CA LYS A 197 11.66 13.35 1.03
C LYS A 197 11.95 13.26 -0.46
N GLU A 198 10.90 13.05 -1.25
CA GLU A 198 11.03 12.87 -2.70
C GLU A 198 10.87 14.22 -3.38
N PRO A 199 11.91 14.77 -4.00
CA PRO A 199 11.78 16.10 -4.61
C PRO A 199 10.72 16.20 -5.67
N ALA A 200 10.43 15.12 -6.38
CA ALA A 200 9.46 15.19 -7.48
C ALA A 200 8.07 15.51 -6.98
N ILE A 201 7.80 15.24 -5.70
CA ILE A 201 6.50 15.48 -5.12
C ILE A 201 6.55 16.40 -3.92
N ASN A 202 7.75 16.82 -3.50
CA ASN A 202 7.95 17.69 -2.33
C ASN A 202 7.20 17.15 -1.12
N GLN A 203 7.37 15.85 -0.88
CA GLN A 203 6.63 15.15 0.16
C GLN A 203 7.39 13.86 0.44
N THR A 204 7.18 13.30 1.63
CA THR A 204 7.88 12.07 1.95
C THR A 204 7.13 10.86 1.42
N ARG A 205 7.87 9.76 1.26
CA ARG A 205 7.26 8.45 1.11
C ARG A 205 8.23 7.40 1.60
N GLN A 206 7.76 6.16 1.65
CA GLN A 206 8.51 5.06 2.25
C GLN A 206 8.71 3.93 1.26
N LEU A 207 9.80 3.19 1.46
CA LEU A 207 10.15 2.09 0.59
C LEU A 207 10.61 0.93 1.46
N ILE A 208 10.06 -0.25 1.20
CA ILE A 208 10.61 -1.49 1.75
C ILE A 208 11.88 -1.82 0.99
N ALA A 209 12.98 -2.00 1.72
CA ALA A 209 14.30 -2.16 1.12
C ALA A 209 14.92 -3.45 1.67
N LEU A 210 14.59 -4.58 1.02
CA LEU A 210 14.92 -5.87 1.62
C LEU A 210 16.43 -6.11 1.69
N ASP A 211 17.19 -5.51 0.77
CA ASP A 211 18.65 -5.58 0.84
C ASP A 211 19.13 -7.02 0.84
N GLY A 212 18.46 -7.87 0.06
CA GLY A 212 18.80 -9.26 -0.05
C GLY A 212 18.00 -10.19 0.85
N ARG A 213 17.33 -9.67 1.85
CA ARG A 213 16.41 -10.47 2.64
C ARG A 213 15.22 -10.87 1.77
N THR A 214 14.35 -11.72 2.32
CA THR A 214 13.13 -12.10 1.64
C THR A 214 11.93 -11.91 2.55
N GLN A 216 8.62 -14.17 2.73
CA GLN A 216 8.19 -15.46 2.24
C GLN A 216 6.77 -15.74 2.72
N PHE A 217 5.85 -15.92 1.78
CA PHE A 217 4.44 -16.19 2.08
C PHE A 217 4.09 -17.59 1.60
N SER A 218 3.54 -18.39 2.50
CA SER A 218 3.35 -19.82 2.25
C SER A 218 1.89 -20.17 1.99
N ASN A 219 1.69 -21.41 1.52
CA ASN A 219 0.36 -22.00 1.32
C ASN A 219 -0.44 -21.29 0.23
N HIS A 220 0.16 -21.18 -0.95
CA HIS A 220 -0.51 -20.59 -2.10
C HIS A 220 -0.74 -21.66 -3.15
N ASN A 221 -2.00 -21.83 -3.55
CA ASN A 221 -2.37 -22.86 -4.51
C ASN A 221 -2.29 -22.26 -5.91
N PHE A 222 -1.18 -22.51 -6.60
CA PHE A 222 -0.95 -21.91 -7.90
C PHE A 222 -1.76 -22.54 -9.02
N ASN A 223 -2.50 -23.62 -8.76
CA ASN A 223 -3.48 -24.08 -9.75
C ASN A 223 -4.56 -23.04 -9.98
N ASN A 224 -4.93 -22.32 -8.92
CA ASN A 224 -6.01 -21.34 -8.96
C ASN A 224 -5.50 -20.00 -9.45
N GLY A 225 -6.44 -19.12 -9.83
CA GLY A 225 -6.05 -17.81 -10.31
C GLY A 225 -5.36 -16.98 -9.24
N TYR A 226 -4.26 -16.33 -9.63
CA TYR A 226 -3.48 -15.50 -8.73
C TYR A 226 -3.03 -14.25 -9.47
N THR A 227 -2.94 -13.14 -8.74
CA THR A 227 -2.33 -11.92 -9.25
C THR A 227 -1.44 -11.33 -8.17
N THR A 228 -0.19 -11.04 -8.50
CA THR A 228 0.70 -10.29 -7.62
C THR A 228 1.03 -8.98 -8.30
N SER A 229 0.73 -7.88 -7.63
CA SER A 229 0.89 -6.54 -8.20
C SER A 229 1.84 -5.75 -7.30
N VAL A 230 2.91 -5.21 -7.87
CA VAL A 230 3.97 -4.55 -7.11
C VAL A 230 4.30 -3.20 -7.73
N LEU A 231 4.51 -2.19 -6.90
CA LEU A 231 5.03 -0.89 -7.30
C LEU A 231 6.42 -0.74 -6.71
N ILE A 232 7.42 -0.57 -7.57
CA ILE A 232 8.80 -0.39 -7.13
C ILE A 232 9.23 1.07 -7.30
N GLY A 233 10.17 1.49 -6.45
CA GLY A 233 10.59 2.88 -6.40
C GLY A 233 11.62 3.27 -7.45
N ASN A 234 11.87 4.58 -7.50
CA ASN A 234 12.73 5.22 -8.51
C ASN A 234 14.21 5.20 -8.10
N ARG A 235 14.73 3.99 -7.92
CA ARG A 235 16.14 3.79 -7.61
C ARG A 235 16.62 2.55 -8.36
N GLN A 236 17.90 2.52 -8.72
CA GLN A 236 18.47 1.34 -9.37
C GLN A 236 18.32 0.12 -8.46
N GLN A 237 17.92 -1.00 -9.05
CA GLN A 237 17.64 -2.21 -8.28
C GLN A 237 18.15 -3.43 -9.03
N THR A 238 18.42 -4.48 -8.25
CA THR A 238 18.82 -5.76 -8.82
C THR A 238 18.27 -6.89 -7.95
N GLY A 239 18.18 -8.07 -8.54
CA GLY A 239 17.93 -9.26 -7.76
C GLY A 239 16.55 -9.85 -7.97
N PRO A 240 16.26 -10.93 -7.23
CA PRO A 240 15.00 -11.68 -7.35
C PRO A 240 13.83 -10.97 -6.68
N LEU A 241 13.27 -10.00 -7.40
CA LEU A 241 12.17 -9.21 -6.88
C LEU A 241 11.00 -10.08 -6.47
N LEU A 242 10.62 -11.03 -7.31
CA LEU A 242 9.45 -11.84 -7.05
C LEU A 242 9.74 -13.25 -7.53
N THR A 243 9.53 -14.22 -6.64
CA THR A 243 9.73 -15.62 -6.97
C THR A 243 8.51 -16.42 -6.56
N TYR A 244 8.07 -17.32 -7.43
CA TYR A 244 7.02 -18.29 -7.14
C TYR A 244 7.71 -19.63 -6.96
N LYS A 245 7.76 -20.11 -5.72
CA LYS A 245 8.27 -21.45 -5.43
C LYS A 245 7.08 -22.38 -5.60
N LEU A 246 6.95 -22.95 -6.80
CA LEU A 246 5.74 -23.68 -7.16
C LEU A 246 5.62 -24.99 -6.37
N ASP A 247 6.74 -25.69 -6.20
CA ASP A 247 6.81 -26.82 -5.28
C ASP A 247 8.25 -26.92 -4.78
N ASP A 248 8.58 -28.06 -4.16
CA ASP A 248 9.90 -28.19 -3.54
C ASP A 248 11.04 -28.17 -4.56
N THR A 249 10.76 -28.44 -5.83
CA THR A 249 11.82 -28.53 -6.83
C THR A 249 11.64 -27.62 -8.05
N LEU A 250 10.53 -26.88 -8.15
CA LEU A 250 10.23 -26.08 -9.33
C LEU A 250 9.98 -24.63 -8.90
N THR A 251 10.67 -23.69 -9.54
CA THR A 251 10.64 -22.29 -9.17
C THR A 251 10.59 -21.45 -10.43
N TRP A 252 9.81 -20.36 -10.40
CA TRP A 252 9.71 -19.40 -11.50
C TRP A 252 9.88 -18.01 -10.90
N GLY A 253 10.70 -17.17 -11.51
CA GLY A 253 10.99 -15.89 -10.89
C GLY A 253 11.35 -14.77 -11.84
N ILE A 254 11.14 -13.55 -11.35
CA ILE A 254 11.50 -12.31 -12.02
C ILE A 254 12.77 -11.77 -11.39
N ASN A 255 13.77 -11.46 -12.21
CA ASN A 255 15.05 -10.97 -11.71
C ASN A 255 15.37 -9.65 -12.39
N LEU A 256 15.62 -8.62 -11.59
CA LEU A 256 15.96 -7.30 -12.10
C LEU A 256 17.46 -7.17 -12.29
N GLU A 257 17.86 -6.49 -13.36
CA GLU A 257 19.26 -6.15 -13.58
C GLU A 257 19.43 -4.64 -13.53
N ASN A 258 20.68 -4.21 -13.32
CA ASN A 258 20.96 -2.80 -13.07
C ASN A 258 20.60 -1.93 -14.28
N ASP A 259 20.75 -2.48 -15.49
CA ASP A 259 20.44 -1.76 -16.71
C ASP A 259 18.94 -1.59 -16.93
N GLY A 260 18.11 -2.28 -16.15
CA GLY A 260 16.68 -2.25 -16.35
C GLY A 260 16.11 -3.43 -17.09
N ARG A 261 16.95 -4.33 -17.60
CA ARG A 261 16.44 -5.56 -18.19
C ARG A 261 15.89 -6.47 -17.09
N ILE A 262 14.98 -7.36 -17.49
CA ILE A 262 14.31 -8.27 -16.57
C ILE A 262 14.52 -9.69 -17.07
N ALA A 263 15.10 -10.55 -16.23
CA ALA A 263 15.34 -11.94 -16.57
C ALA A 263 14.29 -12.81 -15.90
N ILE A 264 13.67 -13.69 -16.68
CA ILE A 264 12.71 -14.67 -16.16
C ILE A 264 13.42 -16.01 -16.09
N LYS A 265 13.43 -16.62 -14.92
CA LYS A 265 14.16 -17.86 -14.70
C LYS A 265 13.21 -18.95 -14.21
N THR A 266 13.31 -20.13 -14.82
CA THR A 266 12.62 -21.32 -14.38
C THR A 266 13.68 -22.34 -13.97
N VAL A 267 13.58 -22.83 -12.73
CA VAL A 267 14.53 -23.80 -12.21
C VAL A 267 13.76 -25.05 -11.80
N ASP A 268 14.12 -26.20 -12.38
CA ASP A 268 13.54 -27.49 -12.04
C ASP A 268 14.70 -28.38 -11.61
N THR A 269 14.87 -28.55 -10.30
CA THR A 269 15.99 -29.32 -9.78
C THR A 269 15.78 -30.82 -9.91
N THR A 270 15.00 -31.24 -10.91
CA THR A 270 14.81 -32.66 -11.20
C THR A 270 15.32 -33.00 -12.60
N GLY A 275 15.86 -25.75 -15.75
CA GLY A 275 14.91 -25.13 -16.66
C GLY A 275 15.55 -24.22 -17.68
N GLY A 276 15.24 -22.93 -17.59
CA GLY A 276 15.78 -21.96 -18.53
C GLY A 276 15.78 -20.56 -17.96
N GLN A 277 16.29 -19.63 -18.77
CA GLN A 277 16.45 -18.24 -18.37
C GLN A 277 16.39 -17.39 -19.62
N GLU A 278 15.52 -16.38 -19.62
CA GLU A 278 15.40 -15.51 -20.78
C GLU A 278 15.00 -14.12 -20.32
N TYR A 279 15.35 -13.12 -21.14
CA TYR A 279 14.98 -11.75 -20.86
C TYR A 279 13.61 -11.45 -21.43
N ILE A 280 12.86 -10.61 -20.73
CA ILE A 280 11.64 -10.07 -21.34
C ILE A 280 12.03 -9.24 -22.54
N GLN A 281 11.43 -9.54 -23.68
CA GLN A 281 11.83 -8.88 -24.91
C GLN A 281 11.30 -7.44 -24.96
N ASN A 282 12.17 -6.54 -25.41
CA ASN A 282 11.83 -5.12 -25.60
C ASN A 282 11.49 -4.41 -24.31
N VAL A 283 12.11 -4.81 -23.20
CA VAL A 283 11.82 -4.21 -21.89
C VAL A 283 13.10 -3.72 -21.27
N LYS A 284 13.11 -2.44 -20.89
CA LYS A 284 14.21 -1.84 -20.16
C LYS A 284 13.54 -0.91 -19.15
N LEU A 285 13.54 -1.30 -17.89
CA LEU A 285 12.99 -0.45 -16.86
C LEU A 285 13.82 0.81 -16.74
N ASP A 286 13.14 1.94 -16.63
CA ASP A 286 13.79 3.23 -16.38
C ASP A 286 13.65 3.49 -14.89
N TYR A 287 14.74 3.31 -14.15
CA TYR A 287 14.72 3.52 -12.70
C TYR A 287 14.67 4.99 -12.31
N SER A 288 14.69 5.92 -13.28
CA SER A 288 14.40 7.32 -13.00
C SER A 288 12.96 7.49 -12.55
N ASN A 289 12.10 6.54 -12.88
CA ASN A 289 10.69 6.58 -12.56
C ASN A 289 10.34 5.41 -11.66
N ASP A 290 9.19 5.51 -11.01
CA ASP A 290 8.56 4.33 -10.42
C ASP A 290 8.07 3.43 -11.55
N ASN A 291 7.95 2.15 -11.24
CA ASN A 291 7.45 1.17 -12.20
C ASN A 291 6.54 0.18 -11.49
N SER A 292 5.46 -0.23 -12.17
CA SER A 292 4.61 -1.30 -11.64
C SER A 292 4.82 -2.58 -12.42
N ILE A 293 4.82 -3.70 -11.71
CA ILE A 293 4.98 -5.03 -12.30
C ILE A 293 3.85 -5.88 -11.73
N GLN A 294 3.02 -6.42 -12.61
CA GLN A 294 1.89 -7.24 -12.18
C GLN A 294 1.97 -8.57 -12.90
N VAL A 295 1.77 -9.66 -12.16
CA VAL A 295 1.85 -11.01 -12.68
C VAL A 295 0.51 -11.69 -12.42
N ARG A 296 -0.15 -12.17 -13.48
CA ARG A 296 -1.36 -12.94 -13.29
C ARG A 296 -1.16 -14.35 -13.84
N SER A 297 -1.69 -15.34 -13.11
CA SER A 297 -1.41 -16.72 -13.45
C SER A 297 -2.60 -17.60 -13.09
N ALA A 298 -2.68 -18.75 -13.75
CA ALA A 298 -3.65 -19.79 -13.48
C ALA A 298 -3.20 -21.04 -14.19
N ALA A 299 -3.50 -22.21 -13.61
CA ALA A 299 -3.18 -23.45 -14.29
C ALA A 299 -4.26 -23.76 -15.33
N LYS A 300 -3.81 -24.27 -16.47
CA LYS A 300 -4.73 -24.73 -17.51
C LYS A 300 -4.02 -25.79 -18.33
N ASN A 301 -4.69 -26.93 -18.53
CA ASN A 301 -4.15 -28.05 -19.30
C ASN A 301 -2.81 -28.54 -18.75
N GLY A 302 -2.70 -28.59 -17.43
CA GLY A 302 -1.50 -29.12 -16.80
C GLY A 302 -0.25 -28.28 -16.96
N SER A 303 -0.40 -27.01 -17.32
CA SER A 303 0.70 -26.07 -17.32
C SER A 303 0.23 -24.81 -16.63
N LEU A 304 1.18 -24.05 -16.07
CA LEU A 304 0.88 -22.80 -15.39
C LEU A 304 1.07 -21.66 -16.38
N GLY A 305 -0.02 -20.97 -16.72
CA GLY A 305 0.09 -19.81 -17.59
C GLY A 305 0.38 -18.56 -16.78
N ILE A 306 1.32 -17.76 -17.27
CA ILE A 306 1.81 -16.59 -16.55
C ILE A 306 1.90 -15.41 -17.51
N GLU A 307 1.30 -14.27 -17.12
CA GLU A 307 1.36 -13.03 -17.90
C GLU A 307 1.86 -11.89 -17.02
N ILE A 308 2.81 -11.12 -17.55
CA ILE A 308 3.43 -10.00 -16.83
C ILE A 308 3.03 -8.70 -17.50
N PHE A 309 2.57 -7.75 -16.69
CA PHE A 309 2.26 -6.40 -17.11
C PHE A 309 3.24 -5.43 -16.48
N ILE A 310 3.92 -4.64 -17.29
CA ILE A 310 4.80 -3.58 -16.81
C ILE A 310 4.15 -2.24 -17.11
N ASN A 311 3.87 -1.47 -16.06
CA ASN A 311 3.17 -0.20 -16.21
C ASN A 311 1.89 -0.34 -17.04
N GLY A 312 1.20 -1.50 -16.88
CA GLY A 312 -0.12 -1.70 -17.47
C GLY A 312 -0.14 -2.42 -18.81
N GLN A 313 1.02 -2.70 -19.37
CA GLN A 313 1.16 -3.32 -20.67
C GLN A 313 1.57 -4.76 -20.38
N SER A 314 1.01 -5.75 -21.10
CA SER A 314 1.27 -7.19 -20.88
C SER A 314 2.43 -7.75 -21.71
N VAL A 315 3.69 -7.63 -21.23
CA VAL A 315 4.97 -7.96 -21.93
C VAL A 315 5.37 -9.41 -22.10
N TYR A 316 4.74 -10.33 -21.43
CA TYR A 316 5.28 -11.69 -21.35
C TYR A 316 4.06 -12.53 -21.09
N ASN A 317 3.90 -13.62 -21.84
CA ASN A 317 2.73 -14.47 -21.67
C ASN A 317 3.18 -15.84 -22.13
N LYS A 318 3.54 -16.68 -21.16
CA LYS A 318 4.12 -17.98 -21.45
C LYS A 318 3.52 -19.00 -20.49
N THR A 319 3.86 -20.26 -20.70
CA THR A 319 3.42 -21.34 -19.83
C THR A 319 4.62 -22.09 -19.26
N VAL A 320 4.46 -22.56 -18.03
CA VAL A 320 5.46 -23.35 -17.34
C VAL A 320 4.94 -24.77 -17.27
N SER A 321 5.69 -25.71 -17.83
CA SER A 321 5.27 -27.10 -17.85
C SER A 321 5.29 -27.69 -16.44
N LEU A 322 4.21 -28.37 -16.07
CA LEU A 322 4.15 -29.06 -14.80
C LEU A 322 4.54 -30.52 -14.92
N THR A 323 4.56 -31.06 -16.14
CA THR A 323 4.99 -32.42 -16.43
C THR A 323 6.15 -32.35 -17.42
N ARG A 324 7.37 -32.28 -16.89
CA ARG A 324 8.56 -32.70 -17.65
C ARG A 324 9.78 -32.89 -16.74
N THR A 327 7.63 -36.81 -14.74
CA THR A 327 7.46 -36.29 -13.38
C THR A 327 6.52 -35.07 -13.34
N THR A 328 5.45 -35.20 -12.55
CA THR A 328 4.39 -34.20 -12.50
C THR A 328 4.54 -33.35 -11.24
N HIS A 329 4.51 -32.03 -11.41
CA HIS A 329 4.69 -31.12 -10.29
C HIS A 329 3.32 -30.74 -9.73
N ASN A 330 3.16 -30.93 -8.43
CA ASN A 330 1.95 -30.54 -7.71
C ASN A 330 2.20 -29.16 -7.11
N ILE A 331 1.52 -28.15 -7.65
CA ILE A 331 1.78 -26.75 -7.30
C ILE A 331 0.70 -26.21 -6.37
N SER A 332 0.09 -27.10 -5.57
CA SER A 332 -1.06 -26.72 -4.75
C SER A 332 -0.67 -26.03 -3.44
N SER A 333 0.60 -26.04 -3.06
CA SER A 333 1.02 -25.43 -1.80
C SER A 333 2.38 -24.75 -1.98
N GLY A 334 2.43 -23.74 -2.84
CA GLY A 334 3.66 -23.04 -3.14
C GLY A 334 3.85 -21.81 -2.28
N GLN A 335 4.94 -21.10 -2.57
CA GLN A 335 5.29 -19.88 -1.85
C GLN A 335 5.44 -18.72 -2.81
N ILE A 336 5.05 -17.54 -2.34
CA ILE A 336 5.31 -16.28 -3.02
C ILE A 336 6.40 -15.56 -2.22
N ILE A 337 7.50 -15.21 -2.88
CA ILE A 337 8.68 -14.71 -2.17
C ILE A 337 9.12 -13.40 -2.82
N PHE A 338 9.14 -12.33 -2.03
CA PHE A 338 9.70 -11.05 -2.46
C PHE A 338 11.15 -10.99 -1.98
N GLY A 339 12.02 -10.41 -2.79
CA GLY A 339 13.42 -10.38 -2.44
C GLY A 339 14.21 -9.37 -3.24
N GLY A 340 15.53 -9.58 -3.24
CA GLY A 340 16.43 -8.76 -4.02
C GLY A 340 16.89 -7.50 -3.30
N ASN A 341 17.78 -6.78 -4.00
CA ASN A 341 18.19 -5.44 -3.63
C ASN A 341 17.21 -4.45 -4.28
N THR A 342 16.01 -4.45 -3.75
CA THR A 342 14.88 -3.80 -4.37
C THR A 342 14.31 -2.75 -3.44
N TYR A 343 13.42 -1.93 -4.00
CA TYR A 343 12.75 -0.85 -3.25
C TYR A 343 11.26 -0.97 -3.58
N ILE A 344 10.48 -1.50 -2.65
CA ILE A 344 9.07 -1.81 -2.89
C ILE A 344 8.22 -0.77 -2.17
N ASN A 345 7.37 -0.09 -2.93
CA ASN A 345 6.48 0.90 -2.33
C ASN A 345 5.12 0.32 -1.95
N GLU A 346 4.62 -0.68 -2.68
CA GLU A 346 3.32 -1.25 -2.38
C GLU A 346 3.23 -2.58 -3.10
N PHE A 347 2.56 -3.55 -2.48
CA PHE A 347 2.23 -4.79 -3.16
C PHE A 347 0.88 -5.30 -2.71
N ALA A 348 0.24 -6.07 -3.59
CA ALA A 348 -0.99 -6.77 -3.27
C ALA A 348 -0.94 -8.13 -3.93
N VAL A 349 -1.44 -9.15 -3.24
CA VAL A 349 -1.63 -10.48 -3.78
C VAL A 349 -3.12 -10.78 -3.76
N TYR A 350 -3.64 -11.26 -4.89
CA TYR A 350 -5.04 -11.58 -5.07
C TYR A 350 -5.20 -13.06 -5.37
N THR A 351 -6.22 -13.68 -4.78
CA THR A 351 -6.60 -15.05 -5.16
C THR A 351 -7.59 -15.07 -6.32
N GLU A 352 -7.25 -14.29 -7.34
CA GLU A 352 -7.99 -14.25 -8.59
C GLU A 352 -6.97 -13.85 -9.65
N SER A 353 -7.13 -14.38 -10.85
CA SER A 353 -6.40 -13.83 -12.00
C SER A 353 -7.25 -12.65 -12.48
N LEU A 354 -6.81 -11.44 -12.16
CA LEU A 354 -7.66 -10.27 -12.38
C LEU A 354 -7.83 -10.02 -13.88
N ASN A 355 -9.03 -9.54 -14.25
CA ASN A 355 -9.28 -9.22 -15.64
C ASN A 355 -8.52 -7.96 -16.06
N ASN A 356 -8.57 -7.67 -17.37
CA ASN A 356 -7.80 -6.57 -17.93
C ASN A 356 -8.22 -5.23 -17.32
N SER A 357 -9.52 -5.03 -17.12
CA SER A 357 -9.99 -3.79 -16.52
C SER A 357 -9.37 -3.56 -15.16
N ASN A 358 -9.29 -4.61 -14.34
CA ASN A 358 -8.76 -4.46 -12.98
C ASN A 358 -7.25 -4.34 -12.98
N ILE A 359 -6.55 -5.04 -13.88
CA ILE A 359 -5.12 -4.81 -14.05
C ILE A 359 -4.85 -3.33 -14.38
N GLN A 360 -5.68 -2.76 -15.26
CA GLN A 360 -5.48 -1.37 -15.65
C GLN A 360 -5.82 -0.41 -14.52
N LYS A 361 -6.85 -0.72 -13.73
CA LYS A 361 -7.16 0.12 -12.58
C LYS A 361 -5.98 0.16 -11.62
N LEU A 362 -5.34 -0.99 -11.39
CA LEU A 362 -4.18 -1.01 -10.50
C LEU A 362 -3.01 -0.25 -11.11
N ALA A 363 -2.77 -0.42 -12.42
CA ALA A 363 -1.65 0.29 -13.05
C ALA A 363 -1.86 1.80 -12.98
N GLU A 364 -3.10 2.26 -13.19
CA GLU A 364 -3.38 3.69 -13.09
C GLU A 364 -3.20 4.17 -11.65
N TYR A 365 -3.70 3.42 -10.67
CA TYR A 365 -3.51 3.80 -9.28
C TYR A 365 -2.02 3.93 -8.94
N PHE A 366 -1.21 2.94 -9.33
CA PHE A 366 0.22 2.98 -9.00
C PHE A 366 0.89 4.19 -9.66
N ARG A 367 0.48 4.52 -10.88
CA ARG A 367 1.10 5.64 -11.58
C ARG A 367 0.79 6.96 -10.90
N ASP A 368 -0.43 7.11 -10.37
CA ASP A 368 -0.92 8.39 -9.86
C ASP A 368 -1.00 8.46 -8.34
N LYS A 369 -0.46 7.44 -7.64
CA LYS A 369 -0.54 7.40 -6.17
C LYS A 369 -0.01 8.68 -5.53
N TYR A 370 1.06 9.25 -6.10
CA TYR A 370 1.70 10.44 -5.54
C TYR A 370 1.46 11.70 -6.37
N LYS A 371 0.41 11.71 -7.18
CA LYS A 371 0.06 12.87 -7.99
C LYS A 371 -0.96 13.72 -7.23
N ALA A 372 -0.59 14.97 -6.93
CA ALA A 372 -1.51 15.89 -6.30
C ALA A 372 -2.58 16.32 -7.30
N SER A 373 -3.76 16.65 -6.80
CA SER A 373 -4.83 17.18 -7.64
C SER A 373 -5.85 17.95 -6.81
#